data_5JLY
#
_entry.id   5JLY
#
_cell.length_a   135.734
_cell.length_b   199.019
_cell.length_c   70.775
_cell.angle_alpha   90.000
_cell.angle_beta   90.000
_cell.angle_gamma   90.000
#
_symmetry.space_group_name_H-M   'C 2 2 21'
#
_entity_poly.entity_id   1
_entity_poly.type   'polypeptide(L)'
_entity_poly.pdbx_seq_one_letter_code
;HHHHHHMVLIPNKPAPEFHGCAVIDGDFKEINLKDYSGKYVVLFFYPADFTFVCPTEIIAFSDEVDQFKSRNCQVIACST
DSKYSHLAWTKQDRKSGGLGDMRIPLLADPTKSIARAYGVLDEEEGNAFRGLFIIDPKGILRQITVNDKPVGRSVDETLR
LLDAFQFVEKYGEVCPVNWKRGQHGIKVNH
;
_entity_poly.pdbx_strand_id   A,B,C
#
# COMPACT_ATOMS: atom_id res chain seq x y z
N MET A 7 -14.10 12.26 -0.52
CA MET A 7 -13.29 12.41 0.68
C MET A 7 -12.08 11.47 0.72
N VAL A 8 -11.85 10.91 1.91
CA VAL A 8 -10.79 9.93 2.19
C VAL A 8 -11.31 8.52 1.91
N LEU A 9 -11.44 8.21 0.62
CA LEU A 9 -11.91 6.91 0.18
C LEU A 9 -10.73 5.94 0.17
N ILE A 10 -10.95 4.77 0.73
CA ILE A 10 -9.88 3.82 0.88
C ILE A 10 -10.41 2.41 0.69
N PRO A 11 -9.66 1.55 0.01
CA PRO A 11 -10.20 0.20 -0.15
C PRO A 11 -10.22 -0.56 1.18
N ASN A 12 -10.98 -1.65 1.20
CA ASN A 12 -11.22 -2.45 2.38
C ASN A 12 -12.02 -1.68 3.45
N LYS A 13 -12.74 -0.66 3.02
CA LYS A 13 -13.69 0.02 3.89
C LYS A 13 -15.04 0.07 3.18
N PRO A 14 -16.14 0.15 3.94
CA PRO A 14 -17.47 0.17 3.34
C PRO A 14 -17.67 1.37 2.43
N ALA A 15 -18.13 1.10 1.21
CA ALA A 15 -18.32 2.15 0.23
C ALA A 15 -19.44 3.05 0.68
N PRO A 16 -19.28 4.37 0.47
CA PRO A 16 -20.35 5.32 0.74
C PRO A 16 -21.67 4.90 0.11
N GLU A 17 -22.73 4.94 0.92
CA GLU A 17 -24.03 4.50 0.44
C GLU A 17 -24.63 5.59 -0.43
N PHE A 18 -25.44 5.18 -1.39
CA PHE A 18 -26.05 6.12 -2.30
C PHE A 18 -27.42 5.60 -2.69
N HIS A 19 -28.37 6.51 -2.84
CA HIS A 19 -29.70 6.18 -3.34
C HIS A 19 -29.96 7.21 -4.41
N GLY A 20 -30.96 7.00 -5.25
CA GLY A 20 -31.29 8.00 -6.23
C GLY A 20 -32.26 7.47 -7.27
N CYS A 21 -32.74 8.37 -8.13
CA CYS A 21 -33.62 7.92 -9.19
C CYS A 21 -32.74 7.55 -10.38
N ALA A 22 -32.98 6.39 -10.97
CA ALA A 22 -32.20 5.98 -12.13
C ALA A 22 -33.15 5.58 -13.26
N VAL A 23 -32.81 5.90 -14.50
CA VAL A 23 -33.62 5.38 -15.59
C VAL A 23 -33.17 3.97 -15.99
N ILE A 24 -34.13 3.05 -15.98
CA ILE A 24 -33.91 1.63 -16.27
C ILE A 24 -34.94 1.11 -17.25
N ASP A 25 -34.48 0.67 -18.42
CA ASP A 25 -35.38 0.17 -19.47
C ASP A 25 -36.47 1.19 -19.81
N GLY A 26 -36.12 2.48 -19.77
CA GLY A 26 -37.05 3.56 -20.06
C GLY A 26 -38.01 3.97 -18.97
N ASP A 27 -37.70 3.67 -17.71
CA ASP A 27 -38.57 4.00 -16.58
C ASP A 27 -37.77 4.53 -15.39
N PHE A 28 -38.39 5.41 -14.60
CA PHE A 28 -37.79 5.92 -13.37
C PHE A 28 -37.99 4.92 -12.24
N LYS A 29 -36.89 4.35 -11.74
CA LYS A 29 -36.95 3.49 -10.57
C LYS A 29 -35.95 4.01 -9.54
N GLU A 30 -36.30 3.88 -8.27
CA GLU A 30 -35.36 4.31 -7.24
C GLU A 30 -34.43 3.17 -6.86
N ILE A 31 -33.14 3.46 -6.84
CA ILE A 31 -32.16 2.45 -6.54
C ILE A 31 -31.38 2.88 -5.31
N ASN A 32 -30.88 1.88 -4.60
CA ASN A 32 -30.10 2.10 -3.40
C ASN A 32 -28.94 1.14 -3.47
N LEU A 33 -27.77 1.52 -2.96
CA LEU A 33 -26.61 0.62 -2.97
C LEU A 33 -26.96 -0.70 -2.26
N LYS A 34 -27.76 -0.61 -1.20
CA LYS A 34 -28.19 -1.79 -0.46
C LYS A 34 -29.01 -2.77 -1.31
N ASP A 35 -29.69 -2.27 -2.34
CA ASP A 35 -30.43 -3.13 -3.27
C ASP A 35 -29.55 -4.14 -4.01
N TYR A 36 -28.23 -3.95 -3.95
CA TYR A 36 -27.35 -4.80 -4.72
C TYR A 36 -26.49 -5.63 -3.80
N SER A 37 -26.89 -5.67 -2.52
CA SER A 37 -26.21 -6.52 -1.56
C SER A 37 -26.19 -7.93 -2.12
N GLY A 38 -25.02 -8.57 -2.07
CA GLY A 38 -24.86 -9.90 -2.61
C GLY A 38 -24.27 -9.92 -4.00
N LYS A 39 -24.23 -8.75 -4.63
CA LYS A 39 -23.66 -8.60 -5.96
C LYS A 39 -22.46 -7.66 -5.93
N TYR A 40 -21.54 -7.85 -6.87
CA TYR A 40 -20.51 -6.84 -7.13
C TYR A 40 -21.15 -5.66 -7.82
N VAL A 41 -20.67 -4.46 -7.51
CA VAL A 41 -21.20 -3.29 -8.18
C VAL A 41 -20.04 -2.48 -8.71
N VAL A 42 -20.11 -2.16 -10.00
CA VAL A 42 -19.21 -1.20 -10.61
C VAL A 42 -19.96 0.13 -10.79
N LEU A 43 -19.53 1.14 -10.06
CA LEU A 43 -20.13 2.45 -10.13
C LEU A 43 -19.25 3.36 -10.94
N PHE A 44 -19.70 3.83 -12.09
CA PHE A 44 -18.81 4.74 -12.77
C PHE A 44 -19.50 6.02 -13.21
N PHE A 45 -18.79 7.12 -12.92
CA PHE A 45 -19.27 8.47 -13.14
C PHE A 45 -18.78 8.95 -14.48
N TYR A 46 -19.51 9.90 -15.09
CA TYR A 46 -19.05 10.61 -16.27
C TYR A 46 -19.53 12.05 -16.14
N PRO A 47 -18.99 12.95 -16.99
CA PRO A 47 -19.31 14.39 -17.02
C PRO A 47 -20.35 14.71 -18.09
N ALA A 48 -21.00 15.89 -18.08
CA ALA A 48 -21.91 16.36 -19.16
C ALA A 48 -22.90 15.25 -19.62
N ASP A 49 -23.27 15.26 -20.90
CA ASP A 49 -24.16 14.24 -21.50
C ASP A 49 -23.97 14.08 -22.98
N PHE A 50 -25.00 14.51 -23.73
CA PHE A 50 -25.13 14.31 -25.19
C PHE A 50 -23.87 14.77 -25.95
N THR A 51 -22.73 14.19 -25.63
CA THR A 51 -21.46 14.80 -25.98
C THR A 51 -21.05 14.54 -27.42
N PHE A 52 -20.20 15.42 -27.98
CA PHE A 52 -19.67 15.28 -29.35
C PHE A 52 -18.62 14.16 -29.38
N VAL A 53 -18.18 13.74 -28.21
CA VAL A 53 -17.27 12.61 -28.08
C VAL A 53 -17.68 11.85 -26.80
N CYS A 54 -17.44 10.55 -26.79
CA CYS A 54 -17.73 9.69 -25.64
C CYS A 54 -19.20 9.50 -25.19
N PRO A 55 -20.15 9.39 -26.14
CA PRO A 55 -21.32 8.66 -25.67
C PRO A 55 -20.91 7.20 -25.81
N THR A 56 -19.84 7.04 -26.58
CA THR A 56 -19.26 5.76 -26.94
C THR A 56 -18.73 4.94 -25.76
N GLU A 57 -18.10 5.61 -24.79
CA GLU A 57 -17.64 4.91 -23.61
C GLU A 57 -18.80 4.23 -22.86
N ILE A 58 -19.91 4.94 -22.71
CA ILE A 58 -21.05 4.39 -21.99
C ILE A 58 -21.64 3.27 -22.83
N ILE A 59 -21.61 3.45 -24.14
CA ILE A 59 -22.15 2.44 -25.03
C ILE A 59 -21.28 1.21 -24.94
N ALA A 60 -19.98 1.43 -24.82
CA ALA A 60 -19.02 0.33 -24.70
C ALA A 60 -19.38 -0.60 -23.55
N PHE A 61 -19.64 -0.03 -22.38
CA PHE A 61 -20.01 -0.84 -21.23
C PHE A 61 -21.37 -1.47 -21.37
N SER A 62 -22.30 -0.75 -21.99
CA SER A 62 -23.63 -1.25 -22.17
C SER A 62 -23.62 -2.49 -23.09
N ASP A 63 -22.82 -2.43 -24.16
CA ASP A 63 -22.74 -3.53 -25.12
C ASP A 63 -22.13 -4.81 -24.54
N GLU A 64 -21.24 -4.65 -23.57
CA GLU A 64 -20.58 -5.81 -22.96
C GLU A 64 -21.24 -6.18 -21.64
N VAL A 65 -22.48 -5.75 -21.46
CA VAL A 65 -23.21 -5.94 -20.22
C VAL A 65 -23.32 -7.43 -19.91
N ASP A 66 -23.24 -8.25 -20.96
CA ASP A 66 -23.31 -9.70 -20.84
C ASP A 66 -22.15 -10.22 -19.99
N GLN A 67 -20.98 -9.65 -20.22
CA GLN A 67 -19.76 -10.02 -19.50
C GLN A 67 -19.89 -9.69 -18.00
N PHE A 68 -20.65 -8.65 -17.67
CA PHE A 68 -20.79 -8.26 -16.29
C PHE A 68 -21.85 -9.09 -15.58
N LYS A 69 -22.96 -9.38 -16.27
CA LYS A 69 -23.98 -10.26 -15.73
C LYS A 69 -23.35 -11.64 -15.44
N SER A 70 -22.47 -12.06 -16.34
CA SER A 70 -21.69 -13.27 -16.17
C SER A 70 -20.91 -13.32 -14.85
N ARG A 71 -20.32 -12.20 -14.44
CA ARG A 71 -19.51 -12.15 -13.21
C ARG A 71 -20.33 -11.79 -11.98
N ASN A 72 -21.66 -11.88 -12.07
CA ASN A 72 -22.53 -11.49 -10.97
C ASN A 72 -22.29 -10.02 -10.55
N CYS A 73 -22.22 -9.16 -11.55
CA CYS A 73 -21.92 -7.75 -11.32
C CYS A 73 -22.95 -6.80 -11.92
N GLN A 74 -23.40 -5.85 -11.11
CA GLN A 74 -24.30 -4.79 -11.57
C GLN A 74 -23.53 -3.52 -11.89
N VAL A 75 -23.61 -3.09 -13.14
CA VAL A 75 -22.94 -1.87 -13.53
C VAL A 75 -23.88 -0.68 -13.44
N ILE A 76 -23.42 0.42 -12.85
CA ILE A 76 -24.26 1.60 -12.72
C ILE A 76 -23.55 2.86 -13.20
N ALA A 77 -24.09 3.52 -14.22
CA ALA A 77 -23.51 4.78 -14.67
C ALA A 77 -24.11 5.98 -13.91
N CYS A 78 -23.32 7.01 -13.68
CA CYS A 78 -23.82 8.12 -12.91
C CYS A 78 -23.21 9.44 -13.36
N SER A 79 -24.04 10.47 -13.38
CA SER A 79 -23.58 11.82 -13.65
C SER A 79 -24.43 12.79 -12.92
N THR A 80 -24.03 14.04 -13.02
CA THR A 80 -24.58 15.11 -12.25
C THR A 80 -25.79 15.77 -12.95
N ASP A 81 -26.34 15.06 -13.92
CA ASP A 81 -27.50 15.52 -14.66
C ASP A 81 -28.81 15.13 -13.99
N SER A 82 -29.92 15.69 -14.49
CA SER A 82 -31.23 15.37 -13.95
C SER A 82 -31.74 14.04 -14.51
N LYS A 83 -32.66 13.44 -13.76
CA LYS A 83 -33.30 12.20 -14.15
C LYS A 83 -33.92 12.29 -15.55
N TYR A 84 -34.38 13.48 -15.91
CA TYR A 84 -35.03 13.73 -17.18
C TYR A 84 -34.04 13.84 -18.34
N SER A 85 -32.84 14.37 -18.05
CA SER A 85 -31.79 14.51 -19.05
C SER A 85 -31.32 13.16 -19.51
N HIS A 86 -31.16 12.27 -18.52
CA HIS A 86 -30.76 10.88 -18.76
C HIS A 86 -31.76 10.17 -19.63
N LEU A 87 -33.03 10.33 -19.29
CA LEU A 87 -34.10 9.72 -20.05
C LEU A 87 -34.06 10.18 -21.49
N ALA A 88 -33.79 11.46 -21.68
CA ALA A 88 -33.68 12.01 -23.03
C ALA A 88 -32.52 11.35 -23.80
N TRP A 89 -31.39 11.12 -23.13
CA TRP A 89 -30.26 10.51 -23.80
C TRP A 89 -30.56 9.12 -24.32
N THR A 90 -31.34 8.35 -23.57
CA THR A 90 -31.74 7.02 -24.02
C THR A 90 -32.58 7.11 -25.29
N LYS A 91 -33.52 8.06 -25.33
CA LYS A 91 -34.41 8.18 -26.47
C LYS A 91 -33.69 8.64 -27.74
N GLN A 92 -32.59 9.37 -27.59
CA GLN A 92 -31.77 9.78 -28.73
C GLN A 92 -30.99 8.57 -29.29
N ASP A 93 -31.03 8.34 -30.60
CA ASP A 93 -30.36 7.16 -31.18
C ASP A 93 -28.86 7.41 -31.29
N ARG A 94 -28.10 6.32 -31.45
CA ARG A 94 -26.65 6.38 -31.36
C ARG A 94 -26.06 7.21 -32.49
N LYS A 95 -26.77 7.21 -33.61
CA LYS A 95 -26.34 7.89 -34.82
C LYS A 95 -26.23 9.42 -34.66
N SER A 96 -26.99 9.99 -33.73
CA SER A 96 -27.09 11.45 -33.58
C SER A 96 -26.17 12.03 -32.49
N GLY A 97 -25.40 11.18 -31.82
CA GLY A 97 -24.62 11.62 -30.67
C GLY A 97 -25.33 11.21 -29.39
N GLY A 98 -26.42 10.47 -29.59
CA GLY A 98 -27.23 9.95 -28.52
C GLY A 98 -26.71 8.68 -27.89
N LEU A 99 -27.59 7.93 -27.27
CA LEU A 99 -27.17 6.78 -26.49
C LEU A 99 -27.81 5.48 -26.95
N GLY A 100 -28.83 5.59 -27.79
CA GLY A 100 -29.52 4.41 -28.28
C GLY A 100 -30.08 3.55 -27.17
N ASP A 101 -29.99 2.24 -27.34
CA ASP A 101 -30.50 1.31 -26.34
C ASP A 101 -29.55 1.13 -25.17
N MET A 102 -30.08 1.29 -23.97
CA MET A 102 -29.30 1.16 -22.75
C MET A 102 -29.67 -0.03 -21.93
N ARG A 103 -28.66 -0.81 -21.65
CA ARG A 103 -28.79 -2.03 -20.90
C ARG A 103 -28.27 -1.84 -19.46
N ILE A 104 -27.74 -0.65 -19.14
CA ILE A 104 -27.28 -0.36 -17.76
C ILE A 104 -27.91 0.92 -17.19
N PRO A 105 -28.28 0.90 -15.90
CA PRO A 105 -28.96 2.02 -15.24
C PRO A 105 -28.21 3.34 -15.23
N LEU A 106 -28.91 4.42 -15.52
CA LEU A 106 -28.35 5.76 -15.43
C LEU A 106 -28.87 6.42 -14.18
N LEU A 107 -28.01 6.48 -13.17
CA LEU A 107 -28.42 7.02 -11.89
C LEU A 107 -28.14 8.52 -11.91
N ALA A 108 -29.18 9.32 -11.65
CA ALA A 108 -29.07 10.77 -11.70
C ALA A 108 -28.64 11.35 -10.37
N ASP A 109 -27.70 12.29 -10.44
CA ASP A 109 -27.13 12.93 -9.25
C ASP A 109 -27.17 14.47 -9.36
N PRO A 110 -28.38 15.05 -9.34
CA PRO A 110 -28.53 16.49 -9.61
C PRO A 110 -28.08 17.40 -8.46
N THR A 111 -28.05 16.86 -7.25
CA THR A 111 -27.62 17.59 -6.07
C THR A 111 -26.12 17.52 -5.90
N LYS A 112 -25.48 16.82 -6.82
CA LYS A 112 -24.03 16.62 -6.83
C LYS A 112 -23.52 15.85 -5.58
N SER A 113 -24.43 15.35 -4.76
CA SER A 113 -24.03 14.83 -3.47
C SER A 113 -23.37 13.44 -3.55
N ILE A 114 -23.82 12.62 -4.50
CA ILE A 114 -23.23 11.31 -4.70
C ILE A 114 -21.81 11.45 -5.22
N ALA A 115 -21.60 12.37 -6.16
CA ALA A 115 -20.29 12.60 -6.74
C ALA A 115 -19.33 13.13 -5.69
N ARG A 116 -19.79 14.04 -4.86
CA ARG A 116 -18.90 14.59 -3.85
C ARG A 116 -18.63 13.50 -2.81
N ALA A 117 -19.60 12.61 -2.60
CA ALA A 117 -19.44 11.53 -1.63
C ALA A 117 -18.35 10.54 -2.05
N TYR A 118 -18.21 10.31 -3.35
CA TYR A 118 -17.17 9.43 -3.88
C TYR A 118 -15.94 10.22 -4.30
N GLY A 119 -15.86 11.48 -3.84
CA GLY A 119 -14.71 12.34 -4.04
C GLY A 119 -14.31 12.62 -5.48
N VAL A 120 -15.26 12.58 -6.40
CA VAL A 120 -14.92 12.72 -7.81
C VAL A 120 -15.48 14.00 -8.41
N LEU A 121 -15.94 14.90 -7.56
CA LEU A 121 -16.59 16.12 -8.02
C LEU A 121 -15.61 17.24 -8.32
N ASP A 122 -15.63 17.74 -9.55
CA ASP A 122 -14.84 18.91 -9.90
C ASP A 122 -15.63 20.16 -9.47
N GLU A 123 -15.27 20.68 -8.31
CA GLU A 123 -15.97 21.79 -7.68
C GLU A 123 -15.92 23.08 -8.52
N GLU A 124 -14.82 23.26 -9.24
CA GLU A 124 -14.60 24.44 -10.09
C GLU A 124 -15.53 24.45 -11.29
N GLU A 125 -15.88 23.27 -11.79
CA GLU A 125 -16.66 23.17 -13.03
C GLU A 125 -18.04 22.56 -12.79
N GLY A 126 -18.24 21.94 -11.63
CA GLY A 126 -19.56 21.46 -11.24
C GLY A 126 -20.01 20.13 -11.83
N ASN A 127 -19.07 19.34 -12.34
CA ASN A 127 -19.40 17.98 -12.79
C ASN A 127 -18.30 17.03 -12.30
N ALA A 128 -18.56 15.75 -12.45
CA ALA A 128 -17.68 14.72 -11.92
C ALA A 128 -16.50 14.42 -12.85
N PHE A 129 -15.42 13.89 -12.27
CA PHE A 129 -14.33 13.29 -13.04
C PHE A 129 -14.72 11.91 -13.51
N ARG A 130 -13.89 11.33 -14.37
CA ARG A 130 -14.13 9.97 -14.79
C ARG A 130 -13.67 9.00 -13.71
N GLY A 131 -14.54 8.78 -12.73
CA GLY A 131 -14.26 7.87 -11.65
C GLY A 131 -14.96 6.57 -11.89
N LEU A 132 -14.34 5.50 -11.40
CA LEU A 132 -14.81 4.13 -11.52
C LEU A 132 -14.56 3.48 -10.14
N PHE A 133 -15.56 2.81 -9.60
CA PHE A 133 -15.42 2.19 -8.29
C PHE A 133 -15.96 0.77 -8.27
N ILE A 134 -15.20 -0.16 -7.72
CA ILE A 134 -15.69 -1.52 -7.61
C ILE A 134 -16.01 -1.85 -6.16
N ILE A 135 -17.24 -2.32 -5.94
CA ILE A 135 -17.74 -2.58 -4.59
C ILE A 135 -18.14 -4.06 -4.40
N ASP A 136 -17.81 -4.57 -3.21
CA ASP A 136 -18.00 -5.95 -2.77
C ASP A 136 -19.44 -6.31 -2.59
N PRO A 137 -19.74 -7.61 -2.66
CA PRO A 137 -21.10 -8.08 -2.37
C PRO A 137 -21.53 -7.72 -0.95
N LYS A 138 -20.56 -7.36 -0.10
CA LYS A 138 -20.83 -6.93 1.27
C LYS A 138 -20.74 -5.39 1.36
N GLY A 139 -20.63 -4.73 0.21
CA GLY A 139 -20.69 -3.28 0.16
C GLY A 139 -19.38 -2.59 0.50
N ILE A 140 -18.30 -3.35 0.37
CA ILE A 140 -16.98 -2.88 0.73
C ILE A 140 -16.22 -2.38 -0.50
N LEU A 141 -15.62 -1.21 -0.42
CA LEU A 141 -14.87 -0.68 -1.54
C LEU A 141 -13.61 -1.50 -1.88
N ARG A 142 -13.45 -1.88 -3.15
CA ARG A 142 -12.28 -2.69 -3.55
C ARG A 142 -11.34 -2.01 -4.53
N GLN A 143 -11.83 -1.07 -5.32
CA GLN A 143 -11.03 -0.51 -6.38
C GLN A 143 -11.42 0.93 -6.62
N ILE A 144 -10.42 1.78 -6.80
CA ILE A 144 -10.65 3.17 -7.08
C ILE A 144 -9.92 3.55 -8.34
N THR A 145 -10.64 4.10 -9.33
CA THR A 145 -10.00 4.63 -10.53
C THR A 145 -10.53 6.01 -10.81
N VAL A 146 -9.66 7.01 -10.96
CA VAL A 146 -10.11 8.31 -11.39
C VAL A 146 -9.21 8.84 -12.50
N ASN A 147 -9.80 9.06 -13.68
CA ASN A 147 -9.10 9.67 -14.79
C ASN A 147 -9.39 11.14 -14.89
N ASP A 148 -8.40 11.87 -15.40
CA ASP A 148 -8.65 13.20 -15.89
C ASP A 148 -9.69 13.10 -16.99
N LYS A 149 -10.51 14.12 -17.11
CA LYS A 149 -11.70 14.09 -17.95
C LYS A 149 -11.50 13.57 -19.40
N PRO A 150 -10.39 13.96 -20.09
CA PRO A 150 -10.24 13.53 -21.49
C PRO A 150 -10.09 12.02 -21.77
N VAL A 151 -9.66 11.26 -20.78
CA VAL A 151 -9.30 9.87 -21.03
C VAL A 151 -10.28 8.89 -20.39
N GLY A 152 -10.74 7.93 -21.19
CA GLY A 152 -11.76 6.99 -20.77
C GLY A 152 -11.32 5.63 -20.27
N ARG A 153 -12.30 4.76 -20.00
CA ARG A 153 -12.08 3.51 -19.30
C ARG A 153 -12.27 2.25 -20.16
N SER A 154 -11.50 1.21 -19.86
CA SER A 154 -11.55 -0.03 -20.60
C SER A 154 -12.51 -1.05 -19.98
N VAL A 155 -13.29 -1.72 -20.82
CA VAL A 155 -14.20 -2.73 -20.30
C VAL A 155 -13.38 -3.94 -19.87
N ASP A 156 -12.35 -4.23 -20.66
CA ASP A 156 -11.48 -5.35 -20.39
C ASP A 156 -10.74 -5.20 -19.06
N GLU A 157 -10.28 -3.99 -18.79
CA GLU A 157 -9.58 -3.78 -17.54
C GLU A 157 -10.52 -3.98 -16.36
N THR A 158 -11.75 -3.49 -16.48
CA THR A 158 -12.68 -3.65 -15.40
C THR A 158 -13.03 -5.11 -15.15
N LEU A 159 -13.10 -5.88 -16.24
CA LEU A 159 -13.37 -7.30 -16.15
C LEU A 159 -12.17 -8.02 -15.56
N ARG A 160 -10.98 -7.58 -15.93
CA ARG A 160 -9.80 -8.20 -15.35
C ARG A 160 -9.80 -8.04 -13.83
N LEU A 161 -10.08 -6.81 -13.37
CA LEU A 161 -10.11 -6.50 -11.95
C LEU A 161 -11.20 -7.31 -11.24
N LEU A 162 -12.39 -7.34 -11.84
CA LEU A 162 -13.48 -8.14 -11.28
C LEU A 162 -13.07 -9.59 -11.13
N ASP A 163 -12.37 -10.11 -12.12
CA ASP A 163 -11.90 -11.47 -12.00
C ASP A 163 -10.93 -11.66 -10.81
N ALA A 164 -9.96 -10.76 -10.68
CA ALA A 164 -8.98 -10.83 -9.59
C ALA A 164 -9.65 -10.82 -8.23
N PHE A 165 -10.57 -9.89 -8.04
CA PHE A 165 -11.24 -9.80 -6.77
C PHE A 165 -12.09 -11.05 -6.51
N GLN A 166 -12.86 -11.49 -7.48
CA GLN A 166 -13.69 -12.67 -7.27
C GLN A 166 -12.83 -13.92 -7.09
N PHE A 167 -11.65 -13.93 -7.71
CA PHE A 167 -10.75 -15.05 -7.51
C PHE A 167 -10.30 -15.07 -6.04
N VAL A 168 -9.76 -13.95 -5.57
CA VAL A 168 -9.32 -13.86 -4.18
C VAL A 168 -10.46 -14.21 -3.22
N GLU A 169 -11.68 -13.78 -3.54
CA GLU A 169 -12.83 -14.08 -2.71
C GLU A 169 -13.03 -15.60 -2.51
N LYS A 170 -12.81 -16.38 -3.56
CA LYS A 170 -12.96 -17.83 -3.48
C LYS A 170 -11.72 -18.51 -2.87
N TYR A 171 -10.54 -17.95 -3.11
CA TYR A 171 -9.25 -18.56 -2.72
C TYR A 171 -8.30 -17.55 -2.01
N GLY A 172 -7.31 -16.99 -2.72
CA GLY A 172 -6.45 -15.93 -2.22
C GLY A 172 -4.96 -15.92 -2.63
N GLU A 173 -4.49 -17.02 -3.23
CA GLU A 173 -3.07 -17.19 -3.59
C GLU A 173 -2.65 -16.53 -4.90
N MET B 7 -7.04 11.09 1.35
CA MET B 7 -6.38 12.26 0.81
C MET B 7 -7.19 12.83 -0.36
N VAL B 8 -7.17 14.16 -0.52
CA VAL B 8 -7.89 14.80 -1.62
C VAL B 8 -6.96 14.92 -2.84
N LEU B 9 -6.62 13.75 -3.39
CA LEU B 9 -5.89 13.70 -4.65
C LEU B 9 -6.89 13.70 -5.78
N ILE B 10 -6.68 14.59 -6.74
CA ILE B 10 -7.59 14.70 -7.89
C ILE B 10 -6.79 15.07 -9.13
N PRO B 11 -7.20 14.51 -10.28
CA PRO B 11 -6.48 14.82 -11.52
C PRO B 11 -6.59 16.30 -11.88
N ASN B 12 -5.74 16.77 -12.77
CA ASN B 12 -5.63 18.18 -13.14
C ASN B 12 -5.17 19.08 -11.98
N LYS B 13 -4.50 18.49 -10.99
CA LYS B 13 -3.82 19.24 -9.92
C LYS B 13 -2.38 18.73 -9.82
N PRO B 14 -1.47 19.58 -9.32
CA PRO B 14 -0.06 19.20 -9.16
C PRO B 14 0.14 17.99 -8.24
N ALA B 15 0.91 17.01 -8.69
CA ALA B 15 1.13 15.83 -7.86
C ALA B 15 1.98 16.20 -6.65
N PRO B 16 1.67 15.59 -5.49
CA PRO B 16 2.50 15.71 -4.27
C PRO B 16 3.97 15.46 -4.59
N GLU B 17 4.86 16.35 -4.16
CA GLU B 17 6.27 16.17 -4.46
C GLU B 17 6.86 15.19 -3.47
N PHE B 18 7.87 14.45 -3.89
CA PHE B 18 8.47 13.44 -3.04
C PHE B 18 9.96 13.28 -3.35
N HIS B 19 10.74 13.02 -2.33
CA HIS B 19 12.14 12.72 -2.53
C HIS B 19 12.47 11.45 -1.76
N GLY B 20 13.60 10.83 -2.05
CA GLY B 20 13.97 9.67 -1.27
C GLY B 20 15.13 8.92 -1.84
N CYS B 21 15.57 7.93 -1.07
CA CYS B 21 16.64 7.08 -1.53
C CYS B 21 16.02 5.95 -2.35
N ALA B 22 16.61 5.66 -3.51
CA ALA B 22 16.14 4.57 -4.36
C ALA B 22 17.25 3.61 -4.75
N VAL B 23 16.91 2.33 -4.86
CA VAL B 23 17.83 1.35 -5.40
C VAL B 23 17.73 1.47 -6.90
N ILE B 24 18.89 1.56 -7.57
CA ILE B 24 18.86 1.67 -9.02
C ILE B 24 19.85 0.66 -9.65
N ASP B 25 21.10 1.04 -9.85
CA ASP B 25 22.04 0.09 -10.45
C ASP B 25 22.52 -0.90 -9.42
N GLY B 26 21.63 -1.26 -8.50
CA GLY B 26 22.00 -2.12 -7.39
C GLY B 26 22.76 -1.31 -6.37
N ASP B 27 22.59 0.01 -6.43
CA ASP B 27 23.23 0.96 -5.51
C ASP B 27 22.23 2.06 -5.15
N PHE B 28 22.44 2.68 -3.98
CA PHE B 28 21.56 3.72 -3.47
C PHE B 28 21.79 5.10 -4.08
N LYS B 29 20.78 5.63 -4.77
CA LYS B 29 20.83 6.99 -5.29
C LYS B 29 19.62 7.77 -4.78
N GLU B 30 19.79 9.05 -4.55
CA GLU B 30 18.65 9.81 -4.10
C GLU B 30 17.90 10.42 -5.26
N ILE B 31 16.57 10.27 -5.25
CA ILE B 31 15.76 10.80 -6.34
C ILE B 31 14.68 11.75 -5.83
N ASN B 32 14.28 12.66 -6.72
CA ASN B 32 13.25 13.64 -6.42
C ASN B 32 12.28 13.70 -7.58
N LEU B 33 10.99 13.91 -7.29
CA LEU B 33 10.01 13.99 -8.35
C LEU B 33 10.40 15.06 -9.37
N LYS B 34 10.93 16.18 -8.87
CA LYS B 34 11.35 17.27 -9.74
C LYS B 34 12.45 16.87 -10.70
N ASP B 35 13.22 15.84 -10.35
CA ASP B 35 14.26 15.34 -11.22
C ASP B 35 13.67 14.85 -12.55
N TYR B 36 12.36 14.62 -12.59
CA TYR B 36 11.78 14.05 -13.79
C TYR B 36 10.87 15.00 -14.53
N SER B 37 10.96 16.28 -14.19
CA SER B 37 10.28 17.33 -14.92
C SER B 37 10.61 17.21 -16.41
N GLY B 38 9.57 17.23 -17.24
CA GLY B 38 9.75 17.03 -18.66
C GLY B 38 9.43 15.60 -19.05
N LYS B 39 9.27 14.73 -18.06
CA LYS B 39 8.90 13.34 -18.32
C LYS B 39 7.57 12.97 -17.67
N TYR B 40 6.87 12.01 -18.29
CA TYR B 40 5.75 11.36 -17.63
C TYR B 40 6.29 10.46 -16.53
N VAL B 41 5.55 10.35 -15.42
CA VAL B 41 5.96 9.46 -14.36
C VAL B 41 4.83 8.56 -13.94
N VAL B 42 5.12 7.26 -13.93
CA VAL B 42 4.21 6.28 -13.33
C VAL B 42 4.79 5.88 -11.98
N LEU B 43 4.07 6.26 -10.94
CA LEU B 43 4.46 5.97 -9.59
C LEU B 43 3.54 4.87 -9.05
N PHE B 44 4.10 3.72 -8.73
CA PHE B 44 3.24 2.68 -8.18
C PHE B 44 3.78 2.08 -6.88
N PHE B 45 2.87 1.96 -5.92
CA PHE B 45 3.16 1.44 -4.59
C PHE B 45 2.86 -0.05 -4.47
N TYR B 46 3.54 -0.73 -3.56
CA TYR B 46 3.19 -2.10 -3.25
C TYR B 46 3.35 -2.25 -1.74
N PRO B 47 2.82 -3.33 -1.17
CA PRO B 47 2.80 -3.28 0.29
C PRO B 47 4.04 -3.80 1.00
N ALA B 48 4.57 -4.95 0.60
CA ALA B 48 5.76 -5.46 1.29
C ALA B 48 6.78 -6.21 0.42
N ASP B 49 8.03 -6.14 0.86
CA ASP B 49 9.15 -6.81 0.20
C ASP B 49 9.22 -8.22 0.75
N PHE B 50 9.88 -9.13 0.04
CA PHE B 50 9.91 -10.55 0.41
C PHE B 50 8.52 -11.00 0.77
N THR B 51 7.63 -10.83 -0.21
CA THR B 51 6.22 -10.77 0.03
C THR B 51 5.52 -12.11 0.17
N PHE B 52 6.23 -13.21 -0.07
CA PHE B 52 5.69 -14.57 0.10
C PHE B 52 4.60 -14.86 -0.98
N VAL B 53 4.50 -13.99 -1.98
CA VAL B 53 3.48 -14.15 -3.01
C VAL B 53 3.98 -13.79 -4.42
N CYS B 54 5.30 -13.76 -4.58
CA CYS B 54 5.95 -13.50 -5.88
C CYS B 54 5.57 -12.13 -6.44
N PRO B 55 6.59 -11.32 -6.73
CA PRO B 55 6.42 -10.00 -7.33
C PRO B 55 6.26 -10.06 -8.84
N THR B 56 5.33 -10.87 -9.32
CA THR B 56 5.15 -11.02 -10.77
C THR B 56 4.80 -9.67 -11.39
N GLU B 57 3.94 -8.95 -10.68
CA GLU B 57 3.54 -7.61 -11.03
C GLU B 57 4.71 -6.62 -11.12
N ILE B 58 5.62 -6.66 -10.15
CA ILE B 58 6.71 -5.69 -10.13
C ILE B 58 7.73 -6.05 -11.20
N ILE B 59 7.97 -7.35 -11.38
CA ILE B 59 8.91 -7.83 -12.37
C ILE B 59 8.40 -7.49 -13.78
N ALA B 60 7.08 -7.60 -13.96
CA ALA B 60 6.44 -7.25 -15.23
C ALA B 60 6.79 -5.84 -15.68
N PHE B 61 6.63 -4.87 -14.79
CA PHE B 61 6.95 -3.50 -15.11
C PHE B 61 8.44 -3.30 -15.40
N SER B 62 9.29 -4.05 -14.70
CA SER B 62 10.71 -3.96 -14.98
C SER B 62 11.04 -4.52 -16.40
N ASP B 63 10.45 -5.67 -16.75
CA ASP B 63 10.75 -6.29 -18.05
C ASP B 63 10.29 -5.44 -19.24
N GLU B 64 9.19 -4.72 -19.04
CA GLU B 64 8.57 -3.94 -20.08
C GLU B 64 8.97 -2.47 -19.99
N VAL B 65 10.06 -2.20 -19.28
CA VAL B 65 10.51 -0.83 -19.05
C VAL B 65 10.80 -0.07 -20.36
N ASP B 66 11.12 -0.80 -21.41
CA ASP B 66 11.38 -0.19 -22.71
C ASP B 66 10.16 0.52 -23.30
N GLN B 67 8.99 -0.07 -23.07
CA GLN B 67 7.73 0.49 -23.54
C GLN B 67 7.47 1.88 -22.95
N PHE B 68 7.96 2.10 -21.74
CA PHE B 68 7.73 3.35 -21.05
C PHE B 68 8.75 4.41 -21.45
N LYS B 69 10.00 3.98 -21.56
CA LYS B 69 11.05 4.84 -22.07
C LYS B 69 10.70 5.21 -23.52
N SER B 70 10.11 4.26 -24.23
CA SER B 70 9.55 4.53 -25.56
C SER B 70 8.59 5.72 -25.48
N ARG B 71 7.76 5.75 -24.45
CA ARG B 71 6.75 6.80 -24.28
C ARG B 71 7.17 7.94 -23.37
N ASN B 72 8.48 8.13 -23.18
CA ASN B 72 8.96 9.22 -22.34
C ASN B 72 8.43 9.15 -20.89
N CYS B 73 8.48 7.95 -20.32
CA CYS B 73 7.93 7.75 -18.99
C CYS B 73 8.92 7.12 -18.02
N GLN B 74 8.98 7.66 -16.81
CA GLN B 74 9.77 7.08 -15.74
C GLN B 74 8.89 6.26 -14.80
N VAL B 75 9.14 4.97 -14.69
CA VAL B 75 8.36 4.18 -13.76
C VAL B 75 9.06 4.08 -12.44
N ILE B 76 8.32 4.31 -11.36
CA ILE B 76 8.94 4.24 -10.05
C ILE B 76 8.12 3.39 -9.08
N ALA B 77 8.75 2.33 -8.57
CA ALA B 77 8.14 1.47 -7.57
C ALA B 77 8.39 2.05 -6.16
N CYS B 78 7.46 1.84 -5.25
CA CYS B 78 7.66 2.38 -3.91
C CYS B 78 6.95 1.55 -2.84
N SER B 79 7.59 1.37 -1.69
CA SER B 79 6.92 0.74 -0.55
C SER B 79 7.48 1.28 0.76
N THR B 80 6.89 0.84 1.87
CA THR B 80 7.25 1.40 3.16
C THR B 80 8.42 0.64 3.79
N ASP B 81 9.11 -0.16 3.00
CA ASP B 81 10.26 -0.94 3.48
C ASP B 81 11.56 -0.12 3.36
N SER B 82 12.65 -0.54 4.03
CA SER B 82 13.90 0.23 3.97
C SER B 82 14.66 -0.01 2.69
N LYS B 83 15.51 0.93 2.33
CA LYS B 83 16.37 0.76 1.16
C LYS B 83 17.20 -0.53 1.25
N TYR B 84 17.47 -0.99 2.47
CA TYR B 84 18.26 -2.20 2.66
C TYR B 84 17.45 -3.44 2.27
N SER B 85 16.14 -3.39 2.50
CA SER B 85 15.26 -4.46 2.10
C SER B 85 15.06 -4.49 0.59
N HIS B 86 14.92 -3.30 0.01
CA HIS B 86 14.78 -3.18 -1.43
C HIS B 86 16.01 -3.81 -2.08
N LEU B 87 17.18 -3.43 -1.60
CA LEU B 87 18.41 -3.96 -2.16
C LEU B 87 18.47 -5.47 -2.00
N ALA B 88 18.10 -5.95 -0.83
CA ALA B 88 18.17 -7.37 -0.54
C ALA B 88 17.28 -8.21 -1.47
N TRP B 89 16.08 -7.71 -1.75
CA TRP B 89 15.15 -8.39 -2.63
C TRP B 89 15.73 -8.49 -4.05
N THR B 90 16.50 -7.47 -4.42
CA THR B 90 17.23 -7.44 -5.68
C THR B 90 18.23 -8.60 -5.76
N LYS B 91 18.98 -8.77 -4.67
CA LYS B 91 20.04 -9.74 -4.60
C LYS B 91 19.53 -11.18 -4.61
N GLN B 92 18.27 -11.37 -4.25
CA GLN B 92 17.61 -12.66 -4.42
C GLN B 92 17.18 -12.88 -5.87
N ASP B 93 17.56 -14.00 -6.47
CA ASP B 93 17.21 -14.20 -7.87
C ASP B 93 15.74 -14.57 -7.99
N ARG B 94 15.19 -14.41 -9.18
CA ARG B 94 13.75 -14.58 -9.38
C ARG B 94 13.27 -15.99 -9.11
N LYS B 95 14.14 -16.98 -9.30
CA LYS B 95 13.76 -18.37 -9.06
C LYS B 95 13.35 -18.64 -7.62
N SER B 96 13.89 -17.85 -6.67
CA SER B 96 13.70 -18.08 -5.24
C SER B 96 12.56 -17.28 -4.64
N GLY B 97 11.87 -16.53 -5.48
CA GLY B 97 10.83 -15.65 -5.01
C GLY B 97 11.35 -14.23 -4.86
N GLY B 98 12.62 -14.02 -5.24
CA GLY B 98 13.16 -12.67 -5.21
C GLY B 98 12.77 -11.95 -6.49
N LEU B 99 13.45 -10.86 -6.80
CA LEU B 99 13.08 -10.10 -7.99
C LEU B 99 14.23 -9.87 -8.95
N GLY B 100 15.42 -10.34 -8.58
CA GLY B 100 16.55 -10.26 -9.46
C GLY B 100 16.90 -8.85 -9.91
N ASP B 101 17.33 -8.71 -11.15
CA ASP B 101 17.71 -7.40 -11.66
C ASP B 101 16.47 -6.60 -11.97
N MET B 102 16.45 -5.38 -11.46
CA MET B 102 15.34 -4.50 -11.68
C MET B 102 15.80 -3.30 -12.49
N ARG B 103 15.07 -2.97 -13.55
CA ARG B 103 15.45 -1.83 -14.38
C ARG B 103 14.61 -0.60 -14.06
N ILE B 104 13.83 -0.67 -12.99
CA ILE B 104 13.09 0.50 -12.51
C ILE B 104 13.49 0.77 -11.07
N PRO B 105 13.59 2.05 -10.68
CA PRO B 105 13.98 2.43 -9.32
C PRO B 105 13.04 1.87 -8.24
N LEU B 106 13.62 1.38 -7.15
CA LEU B 106 12.82 0.98 -6.00
C LEU B 106 12.96 2.03 -4.91
N LEU B 107 11.94 2.86 -4.77
CA LEU B 107 11.98 3.96 -3.84
C LEU B 107 11.54 3.54 -2.44
N ALA B 108 12.40 3.76 -1.45
CA ALA B 108 12.10 3.38 -0.08
C ALA B 108 11.38 4.53 0.61
N ASP B 109 10.33 4.21 1.37
CA ASP B 109 9.53 5.20 2.06
C ASP B 109 9.43 4.75 3.53
N PRO B 110 10.56 4.82 4.25
CA PRO B 110 10.62 4.26 5.60
C PRO B 110 9.86 5.12 6.60
N THR B 111 9.63 6.39 6.28
CA THR B 111 8.86 7.29 7.15
C THR B 111 7.36 7.24 6.85
N LYS B 112 6.99 6.44 5.83
CA LYS B 112 5.60 6.26 5.38
C LYS B 112 4.93 7.52 4.86
N SER B 113 5.71 8.58 4.69
CA SER B 113 5.17 9.89 4.38
C SER B 113 4.76 10.03 2.89
N ILE B 114 5.48 9.38 1.99
CA ILE B 114 5.11 9.41 0.58
C ILE B 114 3.78 8.68 0.33
N ALA B 115 3.59 7.54 0.99
CA ALA B 115 2.34 6.77 0.89
C ALA B 115 1.18 7.57 1.46
N ARG B 116 1.44 8.28 2.56
CA ARG B 116 0.45 9.10 3.24
C ARG B 116 0.12 10.31 2.39
N ALA B 117 1.10 10.80 1.66
CA ALA B 117 0.90 11.96 0.80
C ALA B 117 -0.01 11.64 -0.34
N TYR B 118 0.12 10.42 -0.85
CA TYR B 118 -0.66 9.95 -1.99
C TYR B 118 -1.90 9.20 -1.57
N GLY B 119 -2.23 9.32 -0.28
CA GLY B 119 -3.45 8.75 0.26
C GLY B 119 -3.58 7.25 0.13
N VAL B 120 -2.47 6.54 0.11
CA VAL B 120 -2.54 5.09 -0.07
C VAL B 120 -2.02 4.30 1.12
N LEU B 121 -1.86 4.97 2.26
CA LEU B 121 -1.30 4.32 3.43
C LEU B 121 -2.36 3.66 4.29
N ASP B 122 -2.19 2.38 4.55
CA ASP B 122 -3.00 1.67 5.53
C ASP B 122 -2.41 1.92 6.91
N GLU B 123 -3.01 2.85 7.64
CA GLU B 123 -2.47 3.29 8.92
C GLU B 123 -2.40 2.16 9.95
N GLU B 124 -3.34 1.22 9.85
CA GLU B 124 -3.43 0.10 10.78
C GLU B 124 -2.27 -0.88 10.62
N GLU B 125 -1.75 -1.04 9.41
CA GLU B 125 -0.75 -2.08 9.13
C GLU B 125 0.59 -1.47 8.78
N GLY B 126 0.58 -0.18 8.45
CA GLY B 126 1.81 0.55 8.22
C GLY B 126 2.41 0.30 6.86
N ASN B 127 1.60 -0.14 5.91
CA ASN B 127 2.11 -0.33 4.57
C ASN B 127 1.17 0.23 3.55
N ALA B 128 1.65 0.33 2.31
CA ALA B 128 0.83 0.97 1.29
C ALA B 128 -0.16 -0.01 0.62
N PHE B 129 -1.27 0.53 0.13
CA PHE B 129 -2.16 -0.19 -0.76
C PHE B 129 -1.57 -0.22 -2.17
N ARG B 130 -2.13 -1.02 -3.06
CA ARG B 130 -1.64 -1.08 -4.43
C ARG B 130 -2.15 0.11 -5.25
N GLY B 131 -1.44 1.23 -5.11
CA GLY B 131 -1.80 2.43 -5.83
C GLY B 131 -0.91 2.66 -7.05
N LEU B 132 -1.46 3.33 -8.04
CA LEU B 132 -0.75 3.63 -9.26
C LEU B 132 -1.14 5.06 -9.63
N PHE B 133 -0.14 5.88 -9.95
CA PHE B 133 -0.39 7.28 -10.26
C PHE B 133 0.38 7.71 -11.49
N ILE B 134 -0.31 8.42 -12.38
CA ILE B 134 0.34 8.95 -13.54
C ILE B 134 0.49 10.46 -13.47
N ILE B 135 1.72 10.92 -13.64
CA ILE B 135 2.03 12.33 -13.54
C ILE B 135 2.59 12.83 -14.86
N ASP B 136 2.07 13.96 -15.33
CA ASP B 136 2.50 14.50 -16.61
C ASP B 136 3.87 15.22 -16.50
N PRO B 137 4.53 15.46 -17.65
CA PRO B 137 5.83 16.14 -17.67
C PRO B 137 5.86 17.54 -17.01
N LYS B 138 4.71 18.15 -16.74
CA LYS B 138 4.70 19.39 -15.99
C LYS B 138 4.31 19.16 -14.51
N GLY B 139 4.22 17.89 -14.13
CA GLY B 139 4.03 17.51 -12.73
C GLY B 139 2.62 17.47 -12.20
N ILE B 140 1.65 17.37 -13.11
CA ILE B 140 0.24 17.31 -12.76
C ILE B 140 -0.30 15.90 -12.77
N LEU B 141 -1.05 15.57 -11.74
CA LEU B 141 -1.66 14.27 -11.63
C LEU B 141 -2.73 14.08 -12.74
N ARG B 142 -2.64 12.97 -13.47
CA ARG B 142 -3.60 12.72 -14.54
C ARG B 142 -4.45 11.50 -14.28
N GLN B 143 -3.94 10.59 -13.45
CA GLN B 143 -4.63 9.34 -13.24
C GLN B 143 -4.39 8.78 -11.83
N ILE B 144 -5.46 8.29 -11.21
CA ILE B 144 -5.38 7.70 -9.88
C ILE B 144 -5.95 6.31 -9.91
N THR B 145 -5.15 5.35 -9.48
CA THR B 145 -5.58 3.95 -9.35
C THR B 145 -5.20 3.49 -7.99
N VAL B 146 -6.17 2.96 -7.25
CA VAL B 146 -5.90 2.26 -6.00
C VAL B 146 -6.62 0.92 -5.90
N ASN B 147 -5.86 -0.17 -5.86
CA ASN B 147 -6.43 -1.49 -5.65
C ASN B 147 -6.31 -1.86 -4.20
N ASP B 148 -7.25 -2.66 -3.74
CA ASP B 148 -7.11 -3.38 -2.49
C ASP B 148 -5.89 -4.26 -2.66
N LYS B 149 -5.17 -4.49 -1.58
CA LYS B 149 -3.85 -5.11 -1.62
C LYS B 149 -3.66 -6.43 -2.41
N PRO B 150 -4.61 -7.39 -2.33
CA PRO B 150 -4.41 -8.66 -3.01
C PRO B 150 -4.31 -8.61 -4.53
N VAL B 151 -4.79 -7.56 -5.15
CA VAL B 151 -4.93 -7.52 -6.62
C VAL B 151 -4.00 -6.52 -7.30
N GLY B 152 -3.32 -6.97 -8.34
CA GLY B 152 -2.30 -6.15 -8.99
C GLY B 152 -2.69 -5.38 -10.24
N ARG B 153 -1.68 -4.74 -10.84
CA ARG B 153 -1.87 -3.81 -11.94
C ARG B 153 -1.36 -4.38 -13.26
N SER B 154 -1.97 -3.92 -14.35
CA SER B 154 -1.65 -4.35 -15.71
C SER B 154 -0.66 -3.40 -16.37
N VAL B 155 0.31 -3.94 -17.07
CA VAL B 155 1.22 -3.09 -17.81
C VAL B 155 0.52 -2.55 -19.04
N ASP B 156 -0.30 -3.39 -19.66
CA ASP B 156 -1.03 -2.98 -20.84
C ASP B 156 -1.99 -1.85 -20.52
N GLU B 157 -2.70 -1.93 -19.39
CA GLU B 157 -3.62 -0.84 -19.07
C GLU B 157 -2.87 0.47 -18.84
N THR B 158 -1.74 0.39 -18.16
CA THR B 158 -0.94 1.57 -17.92
C THR B 158 -0.40 2.19 -19.21
N LEU B 159 -0.08 1.36 -20.19
CA LEU B 159 0.36 1.84 -21.49
C LEU B 159 -0.81 2.45 -22.28
N ARG B 160 -1.98 1.84 -22.16
CA ARG B 160 -3.13 2.36 -22.85
C ARG B 160 -3.43 3.77 -22.39
N LEU B 161 -3.41 3.96 -21.07
CA LEU B 161 -3.67 5.24 -20.44
C LEU B 161 -2.61 6.26 -20.82
N LEU B 162 -1.37 5.81 -20.75
CA LEU B 162 -0.25 6.65 -21.11
C LEU B 162 -0.40 7.15 -22.55
N ASP B 163 -0.80 6.26 -23.44
CA ASP B 163 -1.00 6.65 -24.81
C ASP B 163 -2.09 7.69 -24.94
N ALA B 164 -3.20 7.45 -24.24
CA ALA B 164 -4.36 8.35 -24.30
C ALA B 164 -3.97 9.76 -23.92
N PHE B 165 -3.25 9.91 -22.82
CA PHE B 165 -2.86 11.22 -22.38
C PHE B 165 -1.92 11.92 -23.36
N GLN B 166 -0.94 11.19 -23.88
CA GLN B 166 0.00 11.78 -24.80
C GLN B 166 -0.70 12.19 -26.09
N PHE B 167 -1.74 11.44 -26.42
CA PHE B 167 -2.56 11.77 -27.58
C PHE B 167 -3.24 13.11 -27.38
N VAL B 168 -3.97 13.25 -26.29
CA VAL B 168 -4.65 14.50 -25.95
C VAL B 168 -3.69 15.71 -25.86
N GLU B 169 -2.49 15.48 -25.33
CA GLU B 169 -1.45 16.51 -25.20
C GLU B 169 -1.12 17.16 -26.54
N LYS B 170 -1.09 16.36 -27.61
CA LYS B 170 -0.83 16.86 -28.96
C LYS B 170 -2.11 17.41 -29.62
N TYR B 171 -3.27 16.84 -29.28
CA TYR B 171 -4.57 17.18 -29.92
C TYR B 171 -5.68 17.47 -28.87
N GLY B 172 -6.56 16.49 -28.61
CA GLY B 172 -7.61 16.62 -27.59
C GLY B 172 -8.90 15.91 -28.02
N GLU B 173 -10.02 16.15 -27.34
CA GLU B 173 -11.32 15.53 -27.69
C GLU B 173 -11.34 14.01 -27.76
N MET C 7 8.40 7.89 25.86
CA MET C 7 9.17 9.12 25.71
C MET C 7 9.94 9.46 26.99
N VAL C 8 9.21 9.70 28.09
CA VAL C 8 9.80 9.94 29.40
C VAL C 8 9.90 8.60 30.14
N LEU C 9 10.83 7.77 29.69
CA LEU C 9 11.04 6.47 30.30
C LEU C 9 11.95 6.55 31.48
N ILE C 10 11.55 5.92 32.57
CA ILE C 10 12.35 5.97 33.79
C ILE C 10 12.26 4.62 34.52
N PRO C 11 13.39 4.19 35.11
CA PRO C 11 13.42 2.90 35.82
C PRO C 11 12.55 2.87 37.08
N ASN C 12 12.30 1.67 37.56
CA ASN C 12 11.41 1.43 38.69
C ASN C 12 9.98 1.89 38.39
N LYS C 13 9.65 2.00 37.11
CA LYS C 13 8.27 2.22 36.68
C LYS C 13 7.93 1.12 35.66
N PRO C 14 6.64 0.76 35.56
CA PRO C 14 6.25 -0.32 34.64
C PRO C 14 6.57 -0.01 33.17
N ALA C 15 7.23 -0.96 32.50
CA ALA C 15 7.61 -0.77 31.10
C ALA C 15 6.39 -0.72 30.19
N PRO C 16 6.42 0.16 29.18
CA PRO C 16 5.38 0.25 28.16
C PRO C 16 5.09 -1.12 27.58
N GLU C 17 3.84 -1.52 27.54
CA GLU C 17 3.51 -2.86 27.10
C GLU C 17 3.60 -2.90 25.58
N PHE C 18 3.87 -4.08 25.03
CA PHE C 18 3.99 -4.20 23.59
C PHE C 18 3.54 -5.55 23.11
N HIS C 19 2.89 -5.54 21.96
CA HIS C 19 2.54 -6.77 21.27
C HIS C 19 2.96 -6.64 19.81
N GLY C 20 3.02 -7.76 19.12
CA GLY C 20 3.37 -7.71 17.72
C GLY C 20 3.65 -9.10 17.22
N CYS C 21 3.86 -9.19 15.91
CA CYS C 21 4.19 -10.45 15.29
C CYS C 21 5.70 -10.66 15.36
N ALA C 22 6.13 -11.85 15.77
CA ALA C 22 7.56 -12.16 15.81
C ALA C 22 7.85 -13.47 15.09
N VAL C 23 8.99 -13.56 14.41
CA VAL C 23 9.45 -14.83 13.85
C VAL C 23 10.22 -15.56 14.95
N ILE C 24 9.93 -16.84 15.12
CA ILE C 24 10.54 -17.58 16.20
C ILE C 24 11.20 -18.84 15.66
N ASP C 25 10.42 -19.89 15.43
CA ASP C 25 10.97 -21.15 14.96
C ASP C 25 10.97 -21.18 13.44
N GLY C 26 11.19 -20.01 12.83
CA GLY C 26 11.08 -19.87 11.40
C GLY C 26 9.60 -19.79 11.08
N ASP C 27 8.83 -19.40 12.09
CA ASP C 27 7.37 -19.29 11.97
C ASP C 27 6.90 -18.00 12.64
N PHE C 28 5.82 -17.44 12.11
CA PHE C 28 5.22 -16.24 12.63
C PHE C 28 4.36 -16.54 13.86
N LYS C 29 4.74 -15.98 15.00
CA LYS C 29 3.92 -16.09 16.20
C LYS C 29 3.68 -14.68 16.75
N GLU C 30 2.50 -14.43 17.33
CA GLU C 30 2.23 -13.14 17.92
C GLU C 30 2.62 -13.20 19.40
N ILE C 31 3.41 -12.24 19.88
CA ILE C 31 3.85 -12.21 21.29
C ILE C 31 3.53 -10.91 22.01
N ASN C 32 3.39 -11.01 23.33
CA ASN C 32 3.03 -9.90 24.19
C ASN C 32 3.95 -9.84 25.40
N LEU C 33 4.23 -8.65 25.88
CA LEU C 33 5.10 -8.52 27.04
C LEU C 33 4.56 -9.35 28.21
N LYS C 34 3.24 -9.35 28.37
CA LYS C 34 2.59 -10.07 29.45
C LYS C 34 2.91 -11.56 29.39
N ASP C 35 3.16 -12.06 28.18
CA ASP C 35 3.49 -13.47 28.00
C ASP C 35 4.76 -13.85 28.75
N TYR C 36 5.53 -12.86 29.19
CA TYR C 36 6.78 -13.18 29.85
C TYR C 36 6.77 -12.77 31.30
N SER C 37 5.58 -12.47 31.81
CA SER C 37 5.40 -12.18 33.22
C SER C 37 6.03 -13.30 34.04
N GLY C 38 6.91 -12.93 34.98
CA GLY C 38 7.65 -13.92 35.75
C GLY C 38 9.07 -14.15 35.24
N LYS C 39 9.36 -13.63 34.05
CA LYS C 39 10.69 -13.75 33.48
C LYS C 39 11.32 -12.36 33.33
N TYR C 40 12.64 -12.28 33.41
CA TYR C 40 13.33 -11.08 32.98
C TYR C 40 13.27 -11.00 31.46
N VAL C 41 13.17 -9.79 30.93
CA VAL C 41 13.14 -9.60 29.49
C VAL C 41 14.16 -8.56 29.06
N VAL C 42 15.00 -8.93 28.10
CA VAL C 42 15.84 -7.95 27.45
C VAL C 42 15.26 -7.63 26.09
N LEU C 43 14.76 -6.41 25.95
CA LEU C 43 14.20 -5.98 24.69
C LEU C 43 15.20 -5.06 24.05
N PHE C 44 15.76 -5.44 22.91
CA PHE C 44 16.71 -4.55 22.27
C PHE C 44 16.42 -4.29 20.80
N PHE C 45 16.51 -3.02 20.43
CA PHE C 45 16.21 -2.52 19.09
C PHE C 45 17.46 -2.43 18.23
N TYR C 46 17.27 -2.51 16.92
CA TYR C 46 18.33 -2.25 15.95
C TYR C 46 17.68 -1.50 14.79
N PRO C 47 18.48 -0.91 13.90
CA PRO C 47 17.82 0.02 12.99
C PRO C 47 17.16 -0.61 11.78
N ALA C 48 17.91 -1.34 10.98
CA ALA C 48 17.33 -2.02 9.82
C ALA C 48 17.79 -3.47 9.71
N ASP C 49 17.31 -4.18 8.70
CA ASP C 49 17.64 -5.58 8.55
C ASP C 49 18.90 -5.84 7.74
N PHE C 50 18.74 -5.98 6.44
CA PHE C 50 19.84 -6.42 5.58
C PHE C 50 20.94 -5.39 5.48
N THR C 51 21.58 -5.12 6.61
CA THR C 51 22.50 -4.00 6.75
C THR C 51 23.90 -4.35 6.33
N PHE C 52 24.51 -3.47 5.51
CA PHE C 52 25.93 -3.52 5.17
C PHE C 52 26.82 -4.31 6.17
N VAL C 53 26.74 -3.99 7.46
CA VAL C 53 27.39 -4.77 8.52
C VAL C 53 26.57 -4.77 9.82
N CYS C 54 27.18 -5.31 10.86
CA CYS C 54 26.62 -5.41 12.22
C CYS C 54 25.32 -6.24 12.37
N PRO C 55 25.20 -7.38 11.64
CA PRO C 55 24.22 -8.32 12.19
C PRO C 55 24.95 -9.24 13.16
N THR C 56 26.21 -8.89 13.40
CA THR C 56 27.11 -9.60 14.28
C THR C 56 26.61 -9.48 15.72
N GLU C 57 26.18 -8.28 16.04
CA GLU C 57 25.61 -7.95 17.33
C GLU C 57 24.39 -8.81 17.62
N ILE C 58 23.56 -9.01 16.61
CA ILE C 58 22.32 -9.77 16.79
C ILE C 58 22.56 -11.28 16.93
N ILE C 59 23.49 -11.85 16.17
CA ILE C 59 23.79 -13.28 16.27
C ILE C 59 24.48 -13.58 17.61
N ALA C 60 25.28 -12.64 18.09
CA ALA C 60 25.95 -12.76 19.38
C ALA C 60 24.94 -13.06 20.48
N PHE C 61 23.83 -12.34 20.50
CA PHE C 61 22.79 -12.61 21.48
C PHE C 61 22.13 -13.98 21.26
N SER C 62 21.99 -14.38 20.00
CA SER C 62 21.40 -15.67 19.68
C SER C 62 22.31 -16.79 20.16
N ASP C 63 23.61 -16.65 19.89
CA ASP C 63 24.58 -17.69 20.26
C ASP C 63 24.71 -17.83 21.77
N GLU C 64 24.45 -16.75 22.49
CA GLU C 64 24.61 -16.78 23.93
C GLU C 64 23.26 -16.89 24.67
N VAL C 65 22.22 -17.34 23.97
CA VAL C 65 20.87 -17.40 24.53
C VAL C 65 20.80 -18.32 25.75
N ASP C 66 21.71 -19.29 25.84
CA ASP C 66 21.74 -20.18 26.99
C ASP C 66 22.05 -19.41 28.27
N GLN C 67 22.97 -18.47 28.15
CA GLN C 67 23.38 -17.64 29.27
C GLN C 67 22.21 -16.82 29.79
N PHE C 68 21.27 -16.51 28.92
CA PHE C 68 20.10 -15.72 29.32
C PHE C 68 19.00 -16.62 29.89
N LYS C 69 18.78 -17.77 29.26
CA LYS C 69 17.84 -18.74 29.81
C LYS C 69 18.30 -19.19 31.19
N SER C 70 19.61 -19.35 31.34
CA SER C 70 20.21 -19.64 32.64
C SER C 70 19.80 -18.60 33.67
N ARG C 71 19.76 -17.34 33.25
CA ARG C 71 19.43 -16.21 34.13
C ARG C 71 17.95 -15.84 34.06
N ASN C 72 17.11 -16.78 33.64
CA ASN C 72 15.66 -16.60 33.56
C ASN C 72 15.30 -15.41 32.69
N CYS C 73 15.95 -15.30 31.54
CA CYS C 73 15.74 -14.12 30.72
C CYS C 73 15.34 -14.45 29.29
N GLN C 74 14.30 -13.78 28.83
CA GLN C 74 13.94 -13.86 27.43
C GLN C 74 14.46 -12.62 26.73
N VAL C 75 15.39 -12.82 25.80
CA VAL C 75 15.88 -11.68 25.03
C VAL C 75 15.06 -11.62 23.74
N ILE C 76 14.62 -10.41 23.42
CA ILE C 76 13.78 -10.14 22.26
C ILE C 76 14.33 -9.01 21.39
N ALA C 77 14.64 -9.33 20.15
CA ALA C 77 15.11 -8.32 19.20
C ALA C 77 13.94 -7.68 18.49
N CYS C 78 14.13 -6.44 18.06
CA CYS C 78 13.04 -5.71 17.43
C CYS C 78 13.55 -4.70 16.41
N SER C 79 12.84 -4.54 15.30
CA SER C 79 13.11 -3.41 14.41
C SER C 79 11.86 -2.97 13.68
N THR C 80 11.95 -1.86 12.96
CA THR C 80 10.77 -1.29 12.37
C THR C 80 10.50 -1.87 11.00
N ASP C 81 11.16 -3.01 10.73
CA ASP C 81 11.01 -3.73 9.47
C ASP C 81 9.82 -4.70 9.56
N SER C 82 9.34 -5.23 8.43
CA SER C 82 8.20 -6.15 8.43
C SER C 82 8.61 -7.58 8.77
N LYS C 83 7.67 -8.37 9.27
CA LYS C 83 7.93 -9.78 9.59
C LYS C 83 8.46 -10.53 8.38
N TYR C 84 8.12 -10.04 7.20
CA TYR C 84 8.57 -10.67 5.98
C TYR C 84 10.06 -10.42 5.78
N SER C 85 10.51 -9.23 6.16
CA SER C 85 11.92 -8.89 6.07
C SER C 85 12.73 -9.68 7.09
N HIS C 86 12.16 -9.84 8.28
CA HIS C 86 12.81 -10.61 9.31
C HIS C 86 13.01 -12.06 8.88
N LEU C 87 11.95 -12.67 8.36
CA LEU C 87 11.97 -14.06 7.92
C LEU C 87 13.03 -14.28 6.83
N ALA C 88 13.11 -13.34 5.89
CA ALA C 88 14.11 -13.41 4.84
C ALA C 88 15.55 -13.37 5.39
N TRP C 89 15.78 -12.53 6.42
CA TRP C 89 17.09 -12.38 7.06
C TRP C 89 17.50 -13.74 7.62
N THR C 90 16.50 -14.45 8.13
CA THR C 90 16.67 -15.81 8.66
C THR C 90 17.08 -16.81 7.62
N LYS C 91 16.39 -16.80 6.48
CA LYS C 91 16.62 -17.76 5.42
C LYS C 91 17.97 -17.53 4.74
N GLN C 92 18.46 -16.30 4.80
CA GLN C 92 19.81 -16.04 4.36
C GLN C 92 20.72 -16.59 5.46
N ASP C 93 21.66 -17.45 5.09
CA ASP C 93 22.52 -18.04 6.11
C ASP C 93 23.61 -17.04 6.52
N ARG C 94 24.23 -17.29 7.68
CA ARG C 94 25.14 -16.31 8.29
C ARG C 94 26.33 -16.08 7.38
N LYS C 95 26.67 -17.10 6.60
CA LYS C 95 27.82 -17.02 5.73
C LYS C 95 27.67 -15.89 4.71
N SER C 96 26.44 -15.54 4.37
CA SER C 96 26.19 -14.57 3.31
C SER C 96 26.01 -13.16 3.84
N GLY C 97 26.11 -13.03 5.16
CA GLY C 97 25.84 -11.75 5.78
C GLY C 97 24.42 -11.75 6.30
N GLY C 98 23.76 -12.89 6.18
CA GLY C 98 22.42 -13.07 6.70
C GLY C 98 22.46 -13.43 8.18
N LEU C 99 21.43 -14.08 8.66
CA LEU C 99 21.31 -14.35 10.09
C LEU C 99 21.25 -15.81 10.46
N GLY C 100 21.09 -16.67 9.47
CA GLY C 100 21.00 -18.09 9.72
C GLY C 100 19.87 -18.41 10.70
N ASP C 101 20.09 -19.41 11.52
CA ASP C 101 19.09 -19.79 12.51
C ASP C 101 19.15 -18.85 13.72
N MET C 102 17.99 -18.39 14.16
CA MET C 102 17.92 -17.48 15.29
C MET C 102 17.26 -18.14 16.49
N ARG C 103 17.89 -18.04 17.65
CA ARG C 103 17.35 -18.63 18.87
C ARG C 103 16.62 -17.60 19.71
N ILE C 104 16.56 -16.37 19.20
CA ILE C 104 15.78 -15.32 19.86
C ILE C 104 14.77 -14.80 18.87
N PRO C 105 13.57 -14.49 19.37
CA PRO C 105 12.46 -13.96 18.56
C PRO C 105 12.81 -12.63 17.89
N LEU C 106 12.41 -12.48 16.63
CA LEU C 106 12.55 -11.21 15.95
C LEU C 106 11.18 -10.56 15.89
N LEU C 107 11.01 -9.54 16.71
CA LEU C 107 9.74 -8.85 16.80
C LEU C 107 9.68 -7.75 15.74
N ALA C 108 8.65 -7.80 14.90
CA ALA C 108 8.46 -6.80 13.84
C ALA C 108 7.57 -5.65 14.30
N ASP C 109 7.99 -4.42 14.02
CA ASP C 109 7.28 -3.22 14.43
C ASP C 109 7.06 -2.30 13.24
N PRO C 110 6.18 -2.73 12.31
CA PRO C 110 6.01 -2.02 11.05
C PRO C 110 5.27 -0.70 11.24
N THR C 111 4.53 -0.56 12.33
CA THR C 111 3.83 0.70 12.60
C THR C 111 4.68 1.71 13.35
N LYS C 112 5.93 1.32 13.67
CA LYS C 112 6.85 2.16 14.44
C LYS C 112 6.31 2.42 15.85
N SER C 113 5.23 1.76 16.24
CA SER C 113 4.58 2.14 17.48
C SER C 113 5.36 1.62 18.70
N ILE C 114 5.97 0.44 18.58
CA ILE C 114 6.78 -0.10 19.67
C ILE C 114 8.06 0.72 19.94
N ALA C 115 8.73 1.18 18.88
CA ALA C 115 9.93 2.02 19.03
C ALA C 115 9.61 3.38 19.64
N ARG C 116 8.47 3.91 19.23
CA ARG C 116 8.01 5.20 19.70
C ARG C 116 7.63 5.13 21.20
N ALA C 117 7.13 3.96 21.62
CA ALA C 117 6.76 3.73 23.01
C ALA C 117 7.99 3.67 23.88
N TYR C 118 9.06 3.14 23.32
CA TYR C 118 10.30 3.06 24.06
C TYR C 118 11.21 4.24 23.76
N GLY C 119 10.65 5.28 23.12
CA GLY C 119 11.37 6.51 22.87
C GLY C 119 12.64 6.32 22.07
N VAL C 120 12.68 5.33 21.18
CA VAL C 120 13.92 5.05 20.46
C VAL C 120 13.78 5.27 18.99
N LEU C 121 12.71 5.94 18.59
CA LEU C 121 12.42 6.12 17.19
C LEU C 121 13.06 7.35 16.58
N ASP C 122 13.87 7.15 15.56
CA ASP C 122 14.39 8.26 14.78
C ASP C 122 13.35 8.65 13.73
N GLU C 123 12.56 9.67 14.05
CA GLU C 123 11.44 10.08 13.23
C GLU C 123 11.92 10.58 11.88
N GLU C 124 13.13 11.11 11.83
CA GLU C 124 13.66 11.63 10.58
C GLU C 124 13.83 10.53 9.54
N GLU C 125 14.24 9.35 9.98
CA GLU C 125 14.58 8.26 9.07
C GLU C 125 13.67 7.04 9.17
N GLY C 126 12.88 6.98 10.23
CA GLY C 126 11.88 5.92 10.37
C GLY C 126 12.33 4.58 10.92
N ASN C 127 13.46 4.55 11.61
CA ASN C 127 13.92 3.35 12.27
C ASN C 127 14.41 3.64 13.66
N ALA C 128 14.63 2.59 14.43
CA ALA C 128 15.01 2.75 15.82
C ALA C 128 16.50 3.00 15.96
N PHE C 129 16.86 3.65 17.06
CA PHE C 129 18.23 3.73 17.49
C PHE C 129 18.60 2.43 18.15
N ARG C 130 19.89 2.26 18.45
CA ARG C 130 20.33 1.08 19.15
C ARG C 130 20.01 1.22 20.65
N GLY C 131 18.76 0.92 21.01
CA GLY C 131 18.31 0.96 22.38
C GLY C 131 18.20 -0.45 22.94
N LEU C 132 18.43 -0.59 24.25
CA LEU C 132 18.37 -1.88 24.91
C LEU C 132 17.68 -1.67 26.24
N PHE C 133 16.72 -2.52 26.57
CA PHE C 133 15.95 -2.32 27.78
C PHE C 133 15.83 -3.59 28.59
N ILE C 134 16.04 -3.46 29.90
CA ILE C 134 15.90 -4.61 30.77
C ILE C 134 14.67 -4.51 31.66
N ILE C 135 13.82 -5.53 31.60
CA ILE C 135 12.56 -5.48 32.32
C ILE C 135 12.41 -6.61 33.33
N ASP C 136 12.00 -6.21 34.53
CA ASP C 136 11.85 -7.12 35.65
C ASP C 136 10.60 -7.99 35.45
N PRO C 137 10.56 -9.17 36.07
CA PRO C 137 9.46 -10.14 35.95
C PRO C 137 8.07 -9.60 36.33
N LYS C 138 7.99 -8.46 37.01
CA LYS C 138 6.70 -7.88 37.34
C LYS C 138 6.36 -6.77 36.34
N GLY C 139 7.18 -6.68 35.29
CA GLY C 139 6.93 -5.76 34.20
C GLY C 139 7.46 -4.37 34.47
N ILE C 140 8.42 -4.26 35.38
CA ILE C 140 9.01 -2.98 35.71
C ILE C 140 10.35 -2.79 34.99
N LEU C 141 10.49 -1.62 34.37
CA LEU C 141 11.71 -1.26 33.68
C LEU C 141 12.82 -1.08 34.70
N ARG C 142 13.98 -1.71 34.45
CA ARG C 142 15.12 -1.62 35.37
C ARG C 142 16.34 -0.93 34.76
N GLN C 143 16.45 -0.98 33.44
CA GLN C 143 17.64 -0.45 32.79
C GLN C 143 17.33 0.10 31.38
N ILE C 144 17.90 1.27 31.10
CA ILE C 144 17.77 1.96 29.83
C ILE C 144 19.10 2.26 29.21
N THR C 145 19.35 1.75 28.01
CA THR C 145 20.54 2.19 27.30
C THR C 145 20.19 2.48 25.85
N VAL C 146 20.60 3.65 25.36
CA VAL C 146 20.40 4.00 23.97
C VAL C 146 21.68 4.48 23.33
N ASN C 147 22.15 3.75 22.31
CA ASN C 147 23.31 4.14 21.53
C ASN C 147 22.90 4.85 20.25
N ASP C 148 23.75 5.78 19.82
CA ASP C 148 23.66 6.26 18.45
C ASP C 148 23.88 5.04 17.59
N LYS C 149 23.17 4.99 16.47
CA LYS C 149 23.08 3.78 15.68
C LYS C 149 24.40 3.05 15.32
N PRO C 150 25.47 3.79 15.00
CA PRO C 150 26.66 3.05 14.56
C PRO C 150 27.31 2.10 15.56
N VAL C 151 27.16 2.28 16.86
CA VAL C 151 27.92 1.41 17.75
C VAL C 151 27.00 0.47 18.51
N GLY C 152 27.42 -0.78 18.54
CA GLY C 152 26.59 -1.86 19.03
C GLY C 152 26.78 -2.14 20.50
N ARG C 153 26.18 -3.25 20.92
CA ARG C 153 26.06 -3.59 22.32
C ARG C 153 26.85 -4.83 22.70
N SER C 154 27.27 -4.88 23.96
CA SER C 154 28.02 -6.00 24.51
C SER C 154 27.11 -7.01 25.17
N VAL C 155 27.36 -8.29 24.91
CA VAL C 155 26.57 -9.33 25.53
C VAL C 155 26.95 -9.47 26.98
N ASP C 156 28.25 -9.30 27.22
CA ASP C 156 28.81 -9.40 28.56
C ASP C 156 28.22 -8.32 29.48
N GLU C 157 28.12 -7.10 28.97
CA GLU C 157 27.61 -6.00 29.77
C GLU C 157 26.17 -6.23 30.18
N THR C 158 25.37 -6.71 29.24
CA THR C 158 23.97 -7.00 29.51
C THR C 158 23.84 -8.10 30.56
N LEU C 159 24.78 -9.03 30.55
CA LEU C 159 24.79 -10.09 31.55
C LEU C 159 25.21 -9.58 32.94
N ARG C 160 26.26 -8.75 33.02
CA ARG C 160 26.66 -8.23 34.31
C ARG C 160 25.54 -7.36 34.89
N LEU C 161 24.87 -6.58 34.05
CA LEU C 161 23.74 -5.79 34.52
C LEU C 161 22.66 -6.77 34.98
N LEU C 162 22.42 -7.79 34.16
CA LEU C 162 21.42 -8.79 34.50
C LEU C 162 21.71 -9.46 35.84
N ASP C 163 22.98 -9.80 36.07
CA ASP C 163 23.41 -10.39 37.33
C ASP C 163 23.14 -9.46 38.51
N ALA C 164 23.49 -8.19 38.31
CA ALA C 164 23.34 -7.15 39.32
C ALA C 164 21.92 -7.01 39.85
N PHE C 165 20.95 -6.92 38.95
CA PHE C 165 19.55 -6.76 39.33
C PHE C 165 19.04 -7.99 40.07
N GLN C 166 19.42 -9.17 39.60
CA GLN C 166 19.03 -10.41 40.25
C GLN C 166 19.72 -10.59 41.60
N PHE C 167 20.93 -10.04 41.69
CA PHE C 167 21.68 -10.01 42.94
C PHE C 167 20.91 -9.25 44.00
N VAL C 168 20.61 -8.00 43.69
CA VAL C 168 19.87 -7.12 44.57
C VAL C 168 18.53 -7.76 44.92
N GLU C 169 17.95 -8.46 43.96
CA GLU C 169 16.65 -9.10 44.13
C GLU C 169 16.68 -10.05 45.32
N LYS C 170 17.77 -10.80 45.48
CA LYS C 170 17.90 -11.65 46.66
C LYS C 170 18.45 -10.88 47.87
N TYR C 171 19.30 -9.90 47.63
CA TYR C 171 19.97 -9.23 48.76
C TYR C 171 19.89 -7.68 48.67
N GLY C 172 20.98 -7.03 48.28
CA GLY C 172 20.98 -5.59 48.09
C GLY C 172 22.27 -4.91 48.53
#